data_8DV8
#
_entry.id   8DV8
#
_cell.length_a   103.111
_cell.length_b   58.130
_cell.length_c   87.645
_cell.angle_alpha   90.000
_cell.angle_beta   102.790
_cell.angle_gamma   90.000
#
_symmetry.space_group_name_H-M   'C 1 2 1'
#
loop_
_entity.id
_entity.type
_entity.pdbx_description
1 polymer 'Estrogen receptor'
2 non-polymer "{(1'R)-6'-hydroxy-1'-[4-({[(3S)-1-propylpyrrolidin-3-yl]methyl}sulfanyl)phenyl]-1',4'-dihydro-2'H-spiro[cyclopropane-1,3'-isoquinolin]-2'-yl}(phenyl)methanone"
3 water water
#
_entity_poly.entity_id   1
_entity_poly.type   'polypeptide(L)'
_entity_poly.pdbx_seq_one_letter_code
;MSKKNSLALSLTADQMVSALLDAEPPILYSEYDPTRPFSEASMMGLLTNLADRELVHMINWAKRVPGFVDLTLHDQVHLL
ESAWLEILMIGLVWRSMEHPGKLLFAPNLLLDRNQGKSVEGMVEIFDMLLATSSRFRMMNLQGEEFVCLKSIILLNSGVY
TFLSSTLKSLEEKDHIHRVLDKITDTLIHLMAKAGLTLQQQHQRLAQLLLILSHIRHMSNKGMEHLYSMKSKNVVPSYDL
LLEMLDAHRLHAPTS
;
_entity_poly.pdbx_strand_id   A,B
#
loop_
_chem_comp.id
_chem_comp.type
_chem_comp.name
_chem_comp.formula
TZ3 non-polymer {(1'R)-6'-hydroxy-1'-[4-({[(3S)-1-propylpyrrolidin-3-yl]methyl}sulfanyl)phenyl]-1',4'-dihydro-2'H-spiro[cyclopropane-1,3'-isoquinolin]-2'-yl}(phenyl)methanone 'C32 H36 N2 O2 S'
#
# COMPACT_ATOMS: atom_id res chain seq x y z
N ALA A 8 -10.76 -13.95 21.52
CA ALA A 8 -10.60 -12.62 20.93
C ALA A 8 -11.20 -12.57 19.52
N LEU A 9 -11.06 -13.66 18.78
CA LEU A 9 -11.67 -13.79 17.46
C LEU A 9 -13.16 -14.14 17.51
N SER A 10 -13.74 -14.21 18.72
CA SER A 10 -15.15 -14.56 18.87
C SER A 10 -16.06 -13.35 18.97
N LEU A 11 -15.50 -12.15 19.11
CA LEU A 11 -16.28 -10.93 19.08
C LEU A 11 -17.10 -10.85 17.80
N THR A 12 -18.32 -10.33 17.91
CA THR A 12 -19.09 -10.01 16.72
C THR A 12 -18.53 -8.75 16.06
N ALA A 13 -19.02 -8.47 14.85
CA ALA A 13 -18.59 -7.28 14.14
C ALA A 13 -18.91 -6.02 14.93
N ASP A 14 -20.12 -5.93 15.48
CA ASP A 14 -20.49 -4.76 16.27
C ASP A 14 -19.64 -4.64 17.53
N GLN A 15 -19.31 -5.78 18.14
CA GLN A 15 -18.43 -5.77 19.32
C GLN A 15 -17.03 -5.35 18.94
N MET A 16 -16.56 -5.77 17.76
CA MET A 16 -15.28 -5.31 17.23
C MET A 16 -15.26 -3.78 17.11
N VAL A 17 -16.29 -3.22 16.48
CA VAL A 17 -16.39 -1.77 16.30
C VAL A 17 -16.40 -1.07 17.64
N SER A 18 -17.23 -1.56 18.56
CA SER A 18 -17.35 -0.96 19.89
C SER A 18 -16.01 -0.93 20.60
N ALA A 19 -15.28 -2.05 20.56
CA ALA A 19 -13.99 -2.13 21.24
C ALA A 19 -13.00 -1.15 20.64
N LEU A 20 -12.98 -1.04 19.31
CA LEU A 20 -12.04 -0.12 18.67
C LEU A 20 -12.39 1.33 18.99
N LEU A 21 -13.68 1.67 18.94
CA LEU A 21 -14.10 3.03 19.27
C LEU A 21 -13.70 3.38 20.70
N ASP A 22 -13.95 2.46 21.63
CA ASP A 22 -13.64 2.72 23.04
C ASP A 22 -12.14 2.91 23.25
N ALA A 23 -11.30 2.29 22.43
CA ALA A 23 -9.85 2.31 22.67
C ALA A 23 -9.15 3.51 22.04
N GLU A 24 -9.90 4.41 21.40
CA GLU A 24 -9.30 5.53 20.71
C GLU A 24 -8.45 6.38 21.67
N PRO A 25 -7.26 6.80 21.25
CA PRO A 25 -6.41 7.62 22.12
C PRO A 25 -6.95 9.04 22.24
N PRO A 26 -6.59 9.75 23.29
CA PRO A 26 -7.00 11.16 23.38
C PRO A 26 -6.24 12.01 22.38
N ILE A 27 -6.76 13.19 22.12
CA ILE A 27 -6.08 14.18 21.31
C ILE A 27 -5.22 15.05 22.21
N LEU A 28 -3.91 15.06 21.95
CA LEU A 28 -2.98 15.79 22.79
C LEU A 28 -2.74 17.19 22.23
N TYR A 29 -2.27 18.08 23.09
CA TYR A 29 -1.89 19.44 22.71
C TYR A 29 -0.39 19.54 22.58
N SER A 30 0.04 20.51 21.76
CA SER A 30 1.43 20.92 21.73
C SER A 30 1.84 21.59 23.04
N GLU A 31 3.13 21.48 23.39
CA GLU A 31 3.69 22.16 24.56
C GLU A 31 4.26 23.52 24.17
N SER A 42 11.42 26.62 16.03
CA SER A 42 11.03 25.74 17.15
C SER A 42 9.95 24.75 16.74
N MET A 43 9.47 24.91 15.51
CA MET A 43 8.38 24.08 14.98
C MET A 43 8.68 22.59 15.14
N MET A 44 9.93 22.21 14.94
CA MET A 44 10.20 20.81 14.80
C MET A 44 10.49 20.15 16.15
N GLY A 45 11.00 20.92 17.11
CA GLY A 45 10.96 20.48 18.50
C GLY A 45 9.54 20.28 19.01
N LEU A 46 8.62 21.21 18.67
CA LEU A 46 7.22 21.04 19.08
C LEU A 46 6.62 19.77 18.49
N LEU A 47 6.81 19.55 17.19
CA LEU A 47 6.18 18.41 16.54
C LEU A 47 6.82 17.09 16.99
N THR A 48 8.14 17.08 17.21
CA THR A 48 8.78 15.89 17.74
C THR A 48 8.26 15.56 19.13
N ASN A 49 8.16 16.56 19.99
CA ASN A 49 7.68 16.32 21.36
C ASN A 49 6.24 15.84 21.36
N LEU A 50 5.41 16.38 20.46
CA LEU A 50 4.03 15.92 20.33
C LEU A 50 3.99 14.44 19.94
N ALA A 51 4.76 14.08 18.90
CA ALA A 51 4.83 12.70 18.47
C ALA A 51 5.28 11.79 19.62
N ASP A 52 6.29 12.22 20.37
CA ASP A 52 6.78 11.42 21.50
C ASP A 52 5.68 11.18 22.51
N ARG A 53 4.89 12.20 22.82
CA ARG A 53 3.83 12.00 23.81
C ARG A 53 2.69 11.17 23.24
N GLU A 54 2.42 11.27 21.94
CA GLU A 54 1.38 10.45 21.34
C GLU A 54 1.73 8.97 21.36
N LEU A 55 3.01 8.66 21.32
CA LEU A 55 3.40 7.26 21.13
C LEU A 55 2.97 6.42 22.33
N VAL A 56 2.99 6.98 23.53
CA VAL A 56 2.56 6.23 24.71
C VAL A 56 1.09 5.86 24.58
N HIS A 57 0.27 6.83 24.18
CA HIS A 57 -1.15 6.57 23.98
C HIS A 57 -1.40 5.62 22.83
N MET A 58 -0.54 5.66 21.81
CA MET A 58 -0.66 4.68 20.73
C MET A 58 -0.41 3.26 21.24
N ILE A 59 0.52 3.10 22.18
CA ILE A 59 0.77 1.78 22.78
C ILE A 59 -0.46 1.29 23.53
N ASN A 60 -1.08 2.16 24.34
CA ASN A 60 -2.27 1.76 25.08
C ASN A 60 -3.39 1.38 24.14
N TRP A 61 -3.54 2.13 23.05
CA TRP A 61 -4.52 1.79 22.02
C TRP A 61 -4.23 0.42 21.44
N ALA A 62 -2.97 0.17 21.05
CA ALA A 62 -2.63 -1.08 20.40
C ALA A 62 -2.98 -2.27 21.30
N LYS A 63 -2.73 -2.14 22.61
CA LYS A 63 -3.01 -3.25 23.50
C LYS A 63 -4.50 -3.59 23.54
N ARG A 64 -5.35 -2.68 23.09
CA ARG A 64 -6.79 -2.87 23.08
C ARG A 64 -7.34 -3.25 21.72
N VAL A 65 -6.49 -3.33 20.69
CA VAL A 65 -6.93 -3.85 19.38
C VAL A 65 -7.10 -5.36 19.55
N PRO A 66 -8.30 -5.91 19.36
CA PRO A 66 -8.51 -7.33 19.65
C PRO A 66 -7.50 -8.20 18.90
N GLY A 67 -6.87 -9.12 19.65
CA GLY A 67 -5.89 -10.02 19.09
C GLY A 67 -4.45 -9.57 19.24
N PHE A 68 -4.20 -8.27 19.44
CA PHE A 68 -2.82 -7.80 19.49
C PHE A 68 -2.05 -8.42 20.65
N VAL A 69 -2.65 -8.44 21.85
CA VAL A 69 -1.89 -8.90 23.02
C VAL A 69 -1.76 -10.41 23.08
N ASP A 70 -2.38 -11.14 22.14
CA ASP A 70 -2.13 -12.57 22.02
C ASP A 70 -0.78 -12.86 21.37
N LEU A 71 -0.15 -11.87 20.74
CA LEU A 71 1.19 -12.05 20.21
C LEU A 71 2.21 -11.97 21.33
N THR A 72 3.41 -12.46 21.04
CA THR A 72 4.50 -12.31 22.03
C THR A 72 4.85 -10.82 22.15
N LEU A 73 5.46 -10.43 23.26
CA LEU A 73 5.85 -9.01 23.41
C LEU A 73 6.84 -8.61 22.31
N HIS A 74 7.75 -9.50 22.00
CA HIS A 74 8.71 -9.29 20.90
C HIS A 74 7.96 -8.96 19.60
N ASP A 75 6.95 -9.75 19.23
CA ASP A 75 6.24 -9.46 17.98
C ASP A 75 5.39 -8.21 18.08
N GLN A 76 4.84 -7.93 19.26
CA GLN A 76 4.13 -6.66 19.47
C GLN A 76 5.05 -5.48 19.20
N VAL A 77 6.26 -5.52 19.75
CA VAL A 77 7.20 -4.42 19.57
C VAL A 77 7.56 -4.25 18.10
N HIS A 78 7.77 -5.37 17.40
N HIS A 78 7.81 -5.37 17.41
CA HIS A 78 8.16 -5.27 16.00
CA HIS A 78 8.14 -5.27 15.98
C HIS A 78 7.03 -4.73 15.13
C HIS A 78 7.01 -4.62 15.21
N LEU A 79 5.78 -5.05 15.46
CA LEU A 79 4.66 -4.47 14.73
C LEU A 79 4.58 -2.97 14.99
N LEU A 80 4.85 -2.55 16.23
CA LEU A 80 4.82 -1.12 16.53
C LEU A 80 5.98 -0.41 15.84
N GLU A 81 7.14 -1.06 15.78
CA GLU A 81 8.29 -0.47 15.10
C GLU A 81 7.95 -0.16 13.65
N SER A 82 7.20 -1.06 13.00
CA SER A 82 6.89 -0.89 11.60
C SER A 82 5.73 0.06 11.36
N ALA A 83 4.82 0.20 12.33
CA ALA A 83 3.55 0.89 12.10
C ALA A 83 3.48 2.31 12.66
N TRP A 84 4.33 2.67 13.64
CA TRP A 84 4.05 3.85 14.46
C TRP A 84 3.94 5.13 13.62
N LEU A 85 4.77 5.29 12.58
CA LEU A 85 4.70 6.54 11.80
C LEU A 85 3.43 6.59 10.95
N GLU A 86 3.08 5.47 10.29
CA GLU A 86 1.82 5.41 9.55
C GLU A 86 0.63 5.71 10.46
N ILE A 87 0.66 5.20 11.70
CA ILE A 87 -0.44 5.45 12.61
C ILE A 87 -0.52 6.91 13.03
N LEU A 88 0.63 7.54 13.32
CA LEU A 88 0.59 8.98 13.58
C LEU A 88 0.04 9.74 12.38
N MET A 89 0.42 9.33 11.17
CA MET A 89 0.03 10.08 9.99
C MET A 89 -1.46 9.92 9.73
N ILE A 90 -1.99 8.70 9.80
CA ILE A 90 -3.42 8.55 9.53
C ILE A 90 -4.24 9.27 10.60
N GLY A 91 -3.76 9.29 11.85
CA GLY A 91 -4.45 10.06 12.87
C GLY A 91 -4.45 11.55 12.55
N LEU A 92 -3.33 12.06 12.06
CA LEU A 92 -3.26 13.48 11.70
C LEU A 92 -4.22 13.78 10.56
N VAL A 93 -4.20 12.93 9.55
CA VAL A 93 -5.08 13.12 8.39
C VAL A 93 -6.54 13.11 8.83
N TRP A 94 -6.90 12.19 9.71
CA TRP A 94 -8.26 12.11 10.21
C TRP A 94 -8.65 13.40 10.95
N ARG A 95 -7.77 13.91 11.81
CA ARG A 95 -8.05 15.14 12.56
C ARG A 95 -8.21 16.34 11.63
N SER A 96 -7.45 16.36 10.55
CA SER A 96 -7.34 17.51 9.67
C SER A 96 -8.42 17.50 8.62
N MET A 97 -9.23 16.47 8.61
CA MET A 97 -10.12 16.18 7.50
C MET A 97 -11.12 17.29 7.29
N GLU A 98 -11.49 17.98 8.37
CA GLU A 98 -12.51 19.00 8.26
C GLU A 98 -11.87 20.39 8.26
N HIS A 99 -10.58 20.47 7.96
CA HIS A 99 -9.83 21.72 7.87
C HIS A 99 -9.07 21.79 6.54
N PRO A 100 -9.79 21.99 5.43
CA PRO A 100 -9.14 21.93 4.11
C PRO A 100 -7.89 22.80 4.02
N GLY A 101 -6.85 22.23 3.40
CA GLY A 101 -5.59 22.94 3.19
C GLY A 101 -4.72 23.10 4.41
N LYS A 102 -5.11 22.52 5.55
CA LYS A 102 -4.36 22.67 6.79
C LYS A 102 -4.20 21.31 7.44
N LEU A 103 -3.23 21.21 8.35
CA LEU A 103 -3.02 20.02 9.16
C LEU A 103 -3.18 20.39 10.64
N LEU A 104 -4.12 19.73 11.31
CA LEU A 104 -4.39 19.98 12.73
C LEU A 104 -3.51 19.04 13.53
N PHE A 105 -2.25 19.44 13.71
CA PHE A 105 -1.34 18.61 14.51
C PHE A 105 -1.85 18.49 15.94
N ALA A 106 -2.33 19.61 16.49
CA ALA A 106 -2.99 19.66 17.78
C ALA A 106 -4.08 20.72 17.68
N PRO A 107 -5.04 20.75 18.60
CA PRO A 107 -6.05 21.82 18.56
C PRO A 107 -5.45 23.22 18.66
N ASN A 108 -4.28 23.34 19.30
CA ASN A 108 -3.55 24.60 19.39
C ASN A 108 -2.38 24.66 18.41
N LEU A 109 -2.42 23.86 17.35
CA LEU A 109 -1.30 23.84 16.41
C LEU A 109 -1.83 23.43 15.04
N LEU A 110 -2.53 24.39 14.41
CA LEU A 110 -3.07 24.22 13.06
C LEU A 110 -2.18 24.97 12.08
N LEU A 111 -1.58 24.22 11.16
CA LEU A 111 -0.61 24.77 10.21
C LEU A 111 -1.11 24.62 8.78
N ASP A 112 -0.88 25.63 7.95
CA ASP A 112 -1.11 25.52 6.52
C ASP A 112 0.21 25.22 5.81
N ARG A 113 0.13 24.97 4.49
CA ARG A 113 1.32 24.49 3.80
C ARG A 113 2.39 25.56 3.70
N ASN A 114 2.02 26.84 3.81
CA ASN A 114 3.03 27.89 3.75
C ASN A 114 3.89 27.91 5.00
N GLN A 115 3.33 27.51 6.14
CA GLN A 115 4.15 27.25 7.30
C GLN A 115 5.00 26.00 7.09
N GLY A 116 4.67 25.21 6.06
CA GLY A 116 5.38 24.00 5.71
C GLY A 116 6.72 24.22 5.04
N LYS A 117 6.96 25.40 4.49
CA LYS A 117 8.19 25.67 3.77
C LYS A 117 9.34 26.10 4.68
N VAL A 123 7.38 20.56 2.63
CA VAL A 123 6.12 20.81 1.95
C VAL A 123 5.72 19.61 1.09
N GLU A 124 6.69 18.85 0.59
CA GLU A 124 6.36 17.69 -0.23
C GLU A 124 5.52 16.69 0.57
N ILE A 125 5.90 16.41 1.81
CA ILE A 125 5.13 15.50 2.64
C ILE A 125 3.86 16.16 3.14
N PHE A 126 3.93 17.47 3.44
CA PHE A 126 2.74 18.22 3.82
C PHE A 126 1.64 18.06 2.77
N ASP A 127 2.02 18.17 1.50
CA ASP A 127 1.03 18.06 0.41
C ASP A 127 0.44 16.66 0.33
N MET A 128 1.26 15.62 0.48
CA MET A 128 0.75 14.25 0.48
C MET A 128 -0.26 14.04 1.61
N LEU A 129 0.02 14.58 2.80
CA LEU A 129 -0.93 14.45 3.90
C LEU A 129 -2.23 15.19 3.61
N LEU A 130 -2.12 16.40 3.04
CA LEU A 130 -3.31 17.14 2.67
C LEU A 130 -4.12 16.40 1.61
N ALA A 131 -3.42 15.81 0.63
CA ALA A 131 -4.10 15.02 -0.40
C ALA A 131 -4.84 13.83 0.21
N THR A 132 -4.27 13.21 1.25
CA THR A 132 -4.93 12.08 1.88
C THR A 132 -6.18 12.53 2.62
N SER A 133 -6.07 13.64 3.34
CA SER A 133 -7.20 14.15 4.10
C SER A 133 -8.33 14.55 3.15
N SER A 134 -7.97 15.12 2.00
N SER A 134 -7.98 15.13 2.00
CA SER A 134 -8.99 15.48 1.02
CA SER A 134 -9.00 15.48 1.02
C SER A 134 -9.64 14.25 0.42
C SER A 134 -9.65 14.25 0.44
N ARG A 135 -8.87 13.18 0.18
CA ARG A 135 -9.45 11.93 -0.28
C ARG A 135 -10.41 11.36 0.75
N PHE A 136 -10.00 11.36 2.03
CA PHE A 136 -10.89 10.95 3.11
C PHE A 136 -12.18 11.78 3.06
N ARG A 137 -12.06 13.09 2.86
CA ARG A 137 -13.21 13.99 2.81
C ARG A 137 -14.16 13.59 1.68
N MET A 138 -13.61 13.51 0.44
CA MET A 138 -14.33 12.99 -0.72
C MET A 138 -15.11 11.72 -0.42
N MET A 139 -14.46 10.74 0.23
CA MET A 139 -15.12 9.46 0.45
C MET A 139 -16.08 9.51 1.62
N ASN A 140 -16.12 10.62 2.36
CA ASN A 140 -16.89 10.74 3.60
C ASN A 140 -16.55 9.59 4.54
N LEU A 141 -15.25 9.42 4.75
CA LEU A 141 -14.77 8.38 5.66
C LEU A 141 -15.41 8.51 7.03
N GLN A 142 -15.93 7.40 7.53
CA GLN A 142 -16.63 7.37 8.79
C GLN A 142 -15.65 7.02 9.90
N GLY A 143 -15.97 7.43 11.13
CA GLY A 143 -15.10 7.11 12.25
C GLY A 143 -14.94 5.62 12.47
N GLU A 144 -16.03 4.86 12.33
CA GLU A 144 -15.93 3.41 12.44
C GLU A 144 -15.01 2.81 11.39
N GLU A 145 -14.95 3.42 10.20
CA GLU A 145 -14.05 2.91 9.16
C GLU A 145 -12.60 3.28 9.48
N PHE A 146 -12.40 4.49 10.00
CA PHE A 146 -11.08 4.96 10.39
C PHE A 146 -10.42 4.02 11.41
N VAL A 147 -11.16 3.63 12.45
CA VAL A 147 -10.52 2.83 13.49
C VAL A 147 -10.17 1.44 12.97
N CYS A 148 -10.95 0.93 12.02
CA CYS A 148 -10.61 -0.34 11.38
C CYS A 148 -9.34 -0.21 10.56
N LEU A 149 -9.24 0.86 9.75
CA LEU A 149 -8.04 1.08 8.94
C LEU A 149 -6.80 1.19 9.81
N LYS A 150 -6.89 1.96 10.91
CA LYS A 150 -5.76 2.11 11.81
C LYS A 150 -5.33 0.76 12.37
N SER A 151 -6.30 -0.09 12.74
N SER A 151 -6.30 -0.10 12.73
CA SER A 151 -5.96 -1.42 13.25
CA SER A 151 -5.96 -1.41 13.27
C SER A 151 -5.31 -2.29 12.19
C SER A 151 -5.37 -2.33 12.20
N ILE A 152 -5.73 -2.14 10.93
CA ILE A 152 -5.09 -2.88 9.86
C ILE A 152 -3.64 -2.47 9.70
N ILE A 153 -3.36 -1.17 9.80
CA ILE A 153 -1.97 -0.70 9.68
C ILE A 153 -1.11 -1.34 10.76
N LEU A 154 -1.61 -1.32 12.00
CA LEU A 154 -0.91 -1.96 13.11
C LEU A 154 -0.53 -3.41 12.82
N LEU A 155 -1.49 -4.20 12.34
CA LEU A 155 -1.23 -5.63 12.16
C LEU A 155 -0.52 -5.95 10.85
N ASN A 156 -0.67 -5.09 9.85
CA ASN A 156 -0.16 -5.41 8.53
C ASN A 156 1.24 -4.84 8.23
N SER A 157 1.62 -3.69 8.81
CA SER A 157 2.83 -3.02 8.31
C SER A 157 4.11 -3.81 8.57
N GLY A 158 4.17 -4.58 9.65
CA GLY A 158 5.33 -5.39 9.93
C GLY A 158 5.21 -6.87 9.60
N VAL A 159 4.13 -7.31 8.96
CA VAL A 159 3.87 -8.74 8.86
C VAL A 159 4.80 -9.41 7.86
N TYR A 160 5.29 -8.69 6.85
CA TYR A 160 6.14 -9.30 5.84
C TYR A 160 7.57 -9.43 6.32
N THR A 161 7.94 -8.64 7.31
CA THR A 161 9.34 -8.52 7.67
C THR A 161 9.63 -9.29 8.93
N ASP A 174 -0.33 -16.69 11.27
CA ASP A 174 -1.69 -17.17 11.09
C ASP A 174 -2.65 -16.40 11.97
N HIS A 175 -2.24 -16.10 13.21
CA HIS A 175 -3.09 -15.32 14.09
C HIS A 175 -3.25 -13.89 13.56
N ILE A 176 -2.16 -13.25 13.15
CA ILE A 176 -2.24 -11.91 12.58
C ILE A 176 -3.19 -11.90 11.39
N HIS A 177 -3.06 -12.89 10.50
CA HIS A 177 -3.95 -12.94 9.35
C HIS A 177 -5.38 -13.22 9.75
N ARG A 178 -5.60 -13.98 10.82
CA ARG A 178 -6.97 -14.17 11.28
C ARG A 178 -7.56 -12.89 11.83
N VAL A 179 -6.77 -12.07 12.53
CA VAL A 179 -7.30 -10.81 13.03
C VAL A 179 -7.55 -9.85 11.88
N LEU A 180 -6.66 -9.84 10.89
CA LEU A 180 -6.87 -8.99 9.73
C LEU A 180 -8.15 -9.37 8.99
N ASP A 181 -8.41 -10.67 8.82
CA ASP A 181 -9.64 -11.12 8.15
C ASP A 181 -10.87 -10.66 8.88
N LYS A 182 -10.80 -10.57 10.19
CA LYS A 182 -12.02 -10.22 10.88
C LYS A 182 -12.21 -8.72 10.91
N ILE A 183 -11.12 -7.95 10.77
CA ILE A 183 -11.27 -6.51 10.50
C ILE A 183 -11.89 -6.30 9.12
N THR A 184 -11.49 -7.11 8.13
CA THR A 184 -12.17 -7.04 6.83
C THR A 184 -13.66 -7.34 6.98
N ASP A 185 -14.01 -8.44 7.66
CA ASP A 185 -15.42 -8.75 7.89
C ASP A 185 -16.14 -7.56 8.54
N THR A 186 -15.48 -6.91 9.49
CA THR A 186 -16.08 -5.79 10.21
C THR A 186 -16.28 -4.57 9.29
N LEU A 187 -15.29 -4.27 8.43
CA LEU A 187 -15.48 -3.17 7.49
C LEU A 187 -16.67 -3.42 6.58
N ILE A 188 -16.78 -4.65 6.06
CA ILE A 188 -17.88 -4.99 5.16
C ILE A 188 -19.21 -4.91 5.90
N HIS A 189 -19.22 -5.33 7.15
CA HIS A 189 -20.41 -5.22 7.99
C HIS A 189 -20.85 -3.77 8.14
N LEU A 190 -19.90 -2.86 8.40
CA LEU A 190 -20.25 -1.44 8.52
C LEU A 190 -20.83 -0.93 7.21
N MET A 191 -20.28 -1.34 6.06
CA MET A 191 -20.77 -0.78 4.82
C MET A 191 -22.14 -1.33 4.47
N ALA A 192 -22.40 -2.59 4.82
CA ALA A 192 -23.74 -3.14 4.65
C ALA A 192 -24.74 -2.40 5.53
N LYS A 193 -24.36 -2.17 6.79
CA LYS A 193 -25.24 -1.45 7.72
C LYS A 193 -25.58 -0.05 7.20
N ALA A 194 -24.65 0.59 6.50
CA ALA A 194 -24.89 1.90 5.91
C ALA A 194 -25.73 1.85 4.64
N GLY A 195 -26.20 0.66 4.23
CA GLY A 195 -27.07 0.56 3.07
C GLY A 195 -26.39 0.41 1.72
N LEU A 196 -25.09 0.19 1.69
CA LEU A 196 -24.38 0.01 0.42
C LEU A 196 -24.72 -1.35 -0.17
N THR A 197 -24.83 -1.40 -1.50
CA THR A 197 -24.99 -2.67 -2.20
C THR A 197 -23.74 -3.52 -2.06
N LEU A 198 -23.86 -4.80 -2.39
CA LEU A 198 -22.71 -5.70 -2.31
C LEU A 198 -21.58 -5.22 -3.23
N GLN A 199 -21.93 -4.76 -4.43
CA GLN A 199 -20.94 -4.15 -5.32
C GLN A 199 -20.27 -2.94 -4.67
N GLN A 200 -21.07 -2.04 -4.13
CA GLN A 200 -20.52 -0.84 -3.52
C GLN A 200 -19.63 -1.19 -2.33
N GLN A 201 -19.96 -2.27 -1.60
CA GLN A 201 -19.16 -2.70 -0.46
C GLN A 201 -17.75 -3.09 -0.89
N HIS A 202 -17.62 -3.97 -1.91
CA HIS A 202 -16.26 -4.36 -2.27
C HIS A 202 -15.51 -3.23 -2.92
N GLN A 203 -16.19 -2.37 -3.67
CA GLN A 203 -15.51 -1.21 -4.26
C GLN A 203 -14.98 -0.30 -3.17
N ARG A 204 -15.77 -0.06 -2.12
CA ARG A 204 -15.33 0.84 -1.05
C ARG A 204 -14.22 0.20 -0.22
N LEU A 205 -14.37 -1.08 0.12
CA LEU A 205 -13.28 -1.81 0.78
C LEU A 205 -11.97 -1.61 0.04
N ALA A 206 -12.00 -1.79 -1.27
CA ALA A 206 -10.78 -1.67 -2.07
C ALA A 206 -10.27 -0.24 -2.07
N GLN A 207 -11.17 0.73 -2.21
CA GLN A 207 -10.77 2.14 -2.19
C GLN A 207 -10.04 2.46 -0.89
N LEU A 208 -10.56 1.97 0.23
CA LEU A 208 -9.96 2.26 1.53
C LEU A 208 -8.60 1.59 1.67
N LEU A 209 -8.49 0.32 1.24
CA LEU A 209 -7.22 -0.38 1.39
C LEU A 209 -6.15 0.17 0.45
N LEU A 210 -6.53 0.69 -0.72
CA LEU A 210 -5.53 1.32 -1.58
C LEU A 210 -4.98 2.60 -0.95
N ILE A 211 -5.78 3.30 -0.15
CA ILE A 211 -5.23 4.47 0.55
C ILE A 211 -4.12 4.03 1.51
N LEU A 212 -4.19 2.80 2.02
CA LEU A 212 -3.12 2.35 2.90
C LEU A 212 -1.79 2.25 2.18
N SER A 213 -1.80 1.98 0.87
N SER A 213 -1.79 2.01 0.87
CA SER A 213 -0.56 2.02 0.10
CA SER A 213 -0.53 2.00 0.14
C SER A 213 0.03 3.42 0.08
C SER A 213 0.05 3.41 0.02
N HIS A 214 -0.81 4.42 -0.09
CA HIS A 214 -0.33 5.81 -0.03
C HIS A 214 0.13 6.18 1.37
N ILE A 215 -0.54 5.69 2.41
CA ILE A 215 -0.05 5.98 3.76
C ILE A 215 1.32 5.34 3.99
N ARG A 216 1.52 4.10 3.49
CA ARG A 216 2.85 3.51 3.54
C ARG A 216 3.88 4.38 2.82
N HIS A 217 3.54 4.82 1.60
CA HIS A 217 4.44 5.66 0.82
C HIS A 217 4.81 6.93 1.59
N MET A 218 3.81 7.58 2.20
CA MET A 218 4.11 8.79 2.99
C MET A 218 5.02 8.50 4.17
N SER A 219 4.80 7.36 4.85
N SER A 219 4.80 7.35 4.83
CA SER A 219 5.66 7.01 5.97
CA SER A 219 5.65 7.01 5.97
C SER A 219 7.09 6.77 5.52
C SER A 219 7.09 6.78 5.51
N ASN A 220 7.28 6.11 4.37
CA ASN A 220 8.62 5.91 3.87
C ASN A 220 9.28 7.25 3.51
N LYS A 221 8.55 8.11 2.81
CA LYS A 221 9.13 9.41 2.48
C LYS A 221 9.29 10.26 3.72
N GLY A 222 8.40 10.09 4.71
CA GLY A 222 8.54 10.79 5.97
C GLY A 222 9.78 10.40 6.75
N MET A 223 10.06 9.10 6.86
CA MET A 223 11.31 8.68 7.51
C MET A 223 12.53 9.29 6.83
N GLU A 224 12.58 9.24 5.49
CA GLU A 224 13.69 9.85 4.78
C GLU A 224 13.84 11.31 5.17
N HIS A 225 12.72 12.02 5.25
CA HIS A 225 12.75 13.44 5.59
C HIS A 225 13.17 13.65 7.04
N LEU A 226 12.60 12.88 7.96
CA LEU A 226 12.92 13.07 9.37
C LEU A 226 14.35 12.68 9.69
N TYR A 227 14.96 11.78 8.92
CA TYR A 227 16.35 11.40 9.14
C TYR A 227 17.29 12.58 8.92
N VAL A 234 15.24 9.32 15.65
CA VAL A 234 13.88 9.37 15.13
C VAL A 234 13.12 8.09 15.48
N VAL A 235 13.72 6.94 15.23
CA VAL A 235 12.97 5.69 15.39
C VAL A 235 12.91 5.34 16.88
N PRO A 236 11.74 5.07 17.44
CA PRO A 236 11.70 4.63 18.84
C PRO A 236 12.38 3.27 18.98
N SER A 237 13.20 3.14 20.02
CA SER A 237 13.96 1.91 20.20
C SER A 237 13.06 0.76 20.64
N TYR A 238 13.56 -0.47 20.43
CA TYR A 238 12.87 -1.66 20.94
C TYR A 238 12.59 -1.50 22.42
N ASP A 239 13.60 -1.07 23.18
CA ASP A 239 13.46 -0.99 24.64
C ASP A 239 12.45 0.07 25.04
N LEU A 240 12.45 1.22 24.36
CA LEU A 240 11.47 2.25 24.67
C LEU A 240 10.06 1.75 24.44
N LEU A 241 9.82 1.11 23.30
CA LEU A 241 8.49 0.58 23.02
C LEU A 241 8.11 -0.49 24.04
N LEU A 242 9.04 -1.40 24.31
CA LEU A 242 8.83 -2.45 25.30
C LEU A 242 8.48 -1.87 26.67
N GLU A 243 9.20 -0.84 27.10
CA GLU A 243 8.88 -0.22 28.38
C GLU A 243 7.46 0.36 28.37
N MET A 244 7.06 1.05 27.30
CA MET A 244 5.71 1.59 27.27
C MET A 244 4.65 0.51 27.28
N LEU A 245 4.99 -0.67 26.76
CA LEU A 245 4.02 -1.79 26.77
C LEU A 245 3.72 -2.24 28.21
N ASP A 246 4.64 -1.97 29.14
CA ASP A 246 4.41 -2.21 30.57
C ASP A 246 4.07 -3.69 30.83
N ALA A 247 5.07 -4.53 30.55
CA ALA A 247 4.86 -5.98 30.62
C ALA A 247 4.41 -6.44 32.00
N HIS A 248 3.47 -7.39 32.03
CA HIS A 248 3.37 -8.27 33.19
C HIS A 248 4.52 -9.26 33.23
N SER B 10 -17.36 -0.28 -20.36
CA SER B 10 -18.43 -1.20 -20.69
C SER B 10 -17.91 -2.60 -20.98
N LEU B 11 -16.62 -2.84 -20.78
CA LEU B 11 -16.13 -4.21 -20.77
C LEU B 11 -16.76 -4.96 -19.61
N THR B 12 -17.09 -6.22 -19.83
CA THR B 12 -17.49 -7.07 -18.72
C THR B 12 -16.24 -7.48 -17.95
N ALA B 13 -16.46 -8.06 -16.77
CA ALA B 13 -15.33 -8.61 -16.02
C ALA B 13 -14.58 -9.64 -16.86
N ASP B 14 -15.32 -10.53 -17.54
CA ASP B 14 -14.65 -11.52 -18.36
C ASP B 14 -13.83 -10.87 -19.48
N GLN B 15 -14.36 -9.79 -20.07
CA GLN B 15 -13.61 -9.08 -21.11
C GLN B 15 -12.40 -8.35 -20.53
N MET B 16 -12.52 -7.84 -19.30
CA MET B 16 -11.38 -7.19 -18.65
C MET B 16 -10.25 -8.20 -18.45
N VAL B 17 -10.58 -9.39 -17.92
CA VAL B 17 -9.57 -10.42 -17.70
C VAL B 17 -8.88 -10.77 -19.00
N SER B 18 -9.65 -11.00 -20.07
CA SER B 18 -9.05 -11.43 -21.33
CA SER B 18 -9.07 -11.41 -21.33
C SER B 18 -8.17 -10.33 -21.90
N ALA B 19 -8.61 -9.07 -21.83
CA ALA B 19 -7.80 -7.97 -22.33
C ALA B 19 -6.50 -7.85 -21.56
N LEU B 20 -6.54 -8.05 -20.24
CA LEU B 20 -5.32 -7.97 -19.45
C LEU B 20 -4.39 -9.13 -19.74
N LEU B 21 -4.92 -10.36 -19.83
CA LEU B 21 -4.06 -11.50 -20.18
C LEU B 21 -3.42 -11.30 -21.55
N ASP B 22 -4.19 -10.82 -22.53
CA ASP B 22 -3.66 -10.61 -23.86
C ASP B 22 -2.56 -9.55 -23.88
N ALA B 23 -2.60 -8.61 -22.93
CA ALA B 23 -1.65 -7.50 -22.93
C ALA B 23 -0.33 -7.85 -22.25
N GLU B 24 -0.25 -9.02 -21.65
CA GLU B 24 0.90 -9.39 -20.84
C GLU B 24 2.20 -9.23 -21.64
N PRO B 25 3.23 -8.61 -21.09
CA PRO B 25 4.51 -8.52 -21.79
C PRO B 25 5.19 -9.86 -21.84
N PRO B 26 6.15 -10.04 -22.75
CA PRO B 26 6.91 -11.28 -22.80
C PRO B 26 7.89 -11.38 -21.63
N ILE B 27 8.28 -12.61 -21.33
CA ILE B 27 9.36 -12.84 -20.37
C ILE B 27 10.68 -12.73 -21.12
N LEU B 28 11.53 -11.80 -20.71
CA LEU B 28 12.75 -11.53 -21.44
C LEU B 28 13.90 -12.30 -20.83
N TYR B 29 14.99 -12.43 -21.61
CA TYR B 29 16.15 -13.17 -21.17
C TYR B 29 17.33 -12.24 -20.93
N SER B 30 18.31 -12.74 -20.18
CA SER B 30 19.61 -12.09 -20.11
C SER B 30 20.48 -12.59 -21.27
N GLU B 31 21.61 -11.92 -21.51
CA GLU B 31 22.46 -12.34 -22.62
C GLU B 31 23.04 -13.73 -22.40
N TYR B 32 23.27 -14.44 -23.50
CA TYR B 32 23.99 -15.70 -23.45
C TYR B 32 25.40 -15.49 -23.98
N PHE B 38 29.01 -16.62 -14.54
CA PHE B 38 28.41 -15.48 -13.82
C PHE B 38 29.46 -14.79 -12.98
N SER B 39 29.44 -13.46 -12.89
CA SER B 39 30.28 -12.77 -11.92
C SER B 39 29.45 -11.75 -11.16
N GLU B 40 29.73 -11.62 -9.87
CA GLU B 40 29.08 -10.59 -9.06
C GLU B 40 29.32 -9.20 -9.64
N ALA B 41 30.51 -8.97 -10.21
CA ALA B 41 30.89 -7.66 -10.71
C ALA B 41 30.06 -7.21 -11.91
N SER B 42 29.60 -8.14 -12.77
CA SER B 42 28.77 -7.76 -13.91
C SER B 42 27.28 -7.85 -13.64
N MET B 43 26.89 -8.38 -12.48
CA MET B 43 25.48 -8.59 -12.14
C MET B 43 24.61 -7.35 -12.31
N MET B 44 25.02 -6.24 -11.72
CA MET B 44 24.13 -5.06 -11.79
C MET B 44 23.99 -4.57 -13.22
N GLY B 45 25.04 -4.67 -14.02
CA GLY B 45 24.92 -4.26 -15.41
C GLY B 45 23.90 -5.15 -16.14
N LEU B 46 23.92 -6.44 -15.88
CA LEU B 46 22.97 -7.35 -16.55
C LEU B 46 21.55 -7.00 -16.09
N LEU B 47 21.39 -6.75 -14.79
CA LEU B 47 20.05 -6.45 -14.27
C LEU B 47 19.51 -5.13 -14.82
N THR B 48 20.37 -4.12 -14.93
N THR B 48 20.36 -4.11 -14.92
CA THR B 48 19.95 -2.83 -15.46
CA THR B 48 19.88 -2.83 -15.47
C THR B 48 19.59 -2.96 -16.93
C THR B 48 19.57 -2.95 -16.96
N ASN B 49 20.36 -3.75 -17.69
CA ASN B 49 20.07 -3.94 -19.11
C ASN B 49 18.74 -4.65 -19.29
N LEU B 50 18.46 -5.62 -18.40
CA LEU B 50 17.19 -6.33 -18.46
C LEU B 50 16.02 -5.41 -18.13
N ALA B 51 16.14 -4.66 -17.04
CA ALA B 51 15.09 -3.71 -16.67
C ALA B 51 14.83 -2.70 -17.79
N ASP B 52 15.88 -2.20 -18.43
CA ASP B 52 15.70 -1.27 -19.56
C ASP B 52 14.91 -1.90 -20.69
N ARG B 53 15.21 -3.15 -21.02
CA ARG B 53 14.45 -3.80 -22.08
C ARG B 53 13.02 -4.07 -21.64
N GLU B 54 12.81 -4.40 -20.36
CA GLU B 54 11.45 -4.64 -19.90
C GLU B 54 10.62 -3.38 -19.91
N LEU B 55 11.25 -2.23 -19.69
CA LEU B 55 10.51 -0.98 -19.63
C LEU B 55 9.83 -0.69 -20.96
N VAL B 56 10.49 -0.99 -22.07
CA VAL B 56 9.89 -0.76 -23.38
C VAL B 56 8.60 -1.56 -23.50
N HIS B 57 8.62 -2.83 -23.09
CA HIS B 57 7.43 -3.65 -23.16
C HIS B 57 6.39 -3.21 -22.15
N MET B 58 6.83 -2.64 -21.03
CA MET B 58 5.87 -2.18 -20.03
C MET B 58 5.04 -1.04 -20.57
N ILE B 59 5.64 -0.16 -21.37
CA ILE B 59 4.89 0.92 -22.02
C ILE B 59 3.78 0.34 -22.89
N ASN B 60 4.11 -0.65 -23.73
CA ASN B 60 3.11 -1.24 -24.63
C ASN B 60 2.00 -1.88 -23.84
N TRP B 61 2.35 -2.58 -22.76
CA TRP B 61 1.37 -3.16 -21.87
C TRP B 61 0.46 -2.09 -21.28
N ALA B 62 1.05 -0.99 -20.78
CA ALA B 62 0.24 0.04 -20.12
C ALA B 62 -0.80 0.60 -21.08
N LYS B 63 -0.39 0.84 -22.33
CA LYS B 63 -1.32 1.37 -23.33
C LYS B 63 -2.48 0.42 -23.61
N ARG B 64 -2.36 -0.85 -23.20
CA ARG B 64 -3.43 -1.83 -23.41
C ARG B 64 -4.24 -2.12 -22.15
N VAL B 65 -3.91 -1.49 -21.02
CA VAL B 65 -4.73 -1.58 -19.82
C VAL B 65 -5.99 -0.75 -20.07
N PRO B 66 -7.18 -1.34 -20.05
CA PRO B 66 -8.38 -0.60 -20.46
C PRO B 66 -8.49 0.70 -19.66
N GLY B 67 -8.76 1.80 -20.38
CA GLY B 67 -8.89 3.09 -19.76
C GLY B 67 -7.62 3.92 -19.68
N PHE B 68 -6.44 3.29 -19.78
CA PHE B 68 -5.20 4.04 -19.59
C PHE B 68 -5.03 5.10 -20.67
N VAL B 69 -5.24 4.73 -21.95
CA VAL B 69 -4.95 5.69 -23.01
C VAL B 69 -6.04 6.74 -23.16
N ASP B 70 -7.11 6.64 -22.38
CA ASP B 70 -8.10 7.71 -22.30
C ASP B 70 -7.56 8.92 -21.56
N LEU B 71 -6.51 8.74 -20.76
CA LEU B 71 -5.90 9.81 -19.99
C LEU B 71 -5.04 10.70 -20.89
N THR B 72 -4.76 11.91 -20.39
CA THR B 72 -3.80 12.77 -21.07
C THR B 72 -2.43 12.10 -21.09
N LEU B 73 -1.60 12.47 -22.07
N LEU B 73 -1.62 12.46 -22.10
CA LEU B 73 -0.26 11.91 -22.12
CA LEU B 73 -0.25 11.97 -22.16
C LEU B 73 0.55 12.33 -20.89
C LEU B 73 0.52 12.32 -20.90
N HIS B 74 0.36 13.57 -20.44
CA HIS B 74 0.99 14.02 -19.19
C HIS B 74 0.62 13.12 -18.00
N ASP B 75 -0.65 12.79 -17.86
CA ASP B 75 -1.04 11.94 -16.73
C ASP B 75 -0.55 10.51 -16.92
N GLN B 76 -0.55 10.00 -18.17
CA GLN B 76 0.02 8.68 -18.41
C GLN B 76 1.47 8.63 -17.99
N VAL B 77 2.25 9.68 -18.28
CA VAL B 77 3.65 9.70 -17.88
C VAL B 77 3.77 9.71 -16.36
N HIS B 78 2.95 10.52 -15.69
CA HIS B 78 3.04 10.60 -14.24
C HIS B 78 2.72 9.26 -13.59
N LEU B 79 1.69 8.57 -14.07
CA LEU B 79 1.36 7.26 -13.53
C LEU B 79 2.51 6.28 -13.72
N LEU B 80 3.09 6.25 -14.93
CA LEU B 80 4.21 5.33 -15.16
C LEU B 80 5.44 5.72 -14.36
N GLU B 81 5.66 7.02 -14.20
CA GLU B 81 6.75 7.49 -13.37
C GLU B 81 6.62 6.95 -11.93
N SER B 82 5.40 6.96 -11.38
N SER B 82 5.40 6.94 -11.40
CA SER B 82 5.21 6.52 -10.01
CA SER B 82 5.19 6.53 -10.01
C SER B 82 5.28 5.00 -9.88
C SER B 82 5.06 5.03 -9.84
N ALA B 83 4.90 4.27 -10.93
CA ALA B 83 4.60 2.84 -10.82
C ALA B 83 5.65 1.91 -11.41
N TRP B 84 6.57 2.39 -12.24
CA TRP B 84 7.37 1.47 -13.04
C TRP B 84 8.15 0.49 -12.17
N LEU B 85 8.69 0.96 -11.04
CA LEU B 85 9.52 0.06 -10.23
C LEU B 85 8.65 -0.99 -9.53
N GLU B 86 7.51 -0.56 -8.98
CA GLU B 86 6.55 -1.51 -8.41
C GLU B 86 6.15 -2.57 -9.45
N ILE B 87 5.96 -2.15 -10.70
CA ILE B 87 5.54 -3.09 -11.73
C ILE B 87 6.66 -4.07 -12.07
N LEU B 88 7.90 -3.60 -12.18
CA LEU B 88 9.03 -4.51 -12.38
C LEU B 88 9.11 -5.50 -11.23
N MET B 89 8.89 -4.99 -10.02
CA MET B 89 9.05 -5.81 -8.83
C MET B 89 7.96 -6.88 -8.76
N ILE B 90 6.71 -6.50 -9.03
CA ILE B 90 5.65 -7.51 -8.88
C ILE B 90 5.79 -8.55 -9.98
N GLY B 91 6.23 -8.13 -11.18
CA GLY B 91 6.52 -9.09 -12.23
C GLY B 91 7.60 -10.09 -11.82
N LEU B 92 8.67 -9.59 -11.20
CA LEU B 92 9.71 -10.48 -10.73
C LEU B 92 9.18 -11.46 -9.68
N VAL B 93 8.37 -10.95 -8.75
CA VAL B 93 7.84 -11.82 -7.71
C VAL B 93 6.96 -12.88 -8.33
N TRP B 94 6.14 -12.49 -9.31
CA TRP B 94 5.31 -13.48 -10.00
C TRP B 94 6.15 -14.53 -10.70
N ARG B 95 7.17 -14.11 -11.46
CA ARG B 95 8.00 -15.10 -12.15
C ARG B 95 8.73 -16.00 -11.17
N SER B 96 8.93 -15.54 -9.95
CA SER B 96 9.72 -16.28 -8.96
C SER B 96 8.84 -17.19 -8.10
N MET B 97 7.53 -17.12 -8.27
CA MET B 97 6.63 -17.70 -7.27
C MET B 97 6.78 -19.21 -7.16
N GLU B 98 7.10 -19.91 -8.26
CA GLU B 98 7.27 -21.36 -8.22
C GLU B 98 8.72 -21.79 -7.95
N HIS B 99 9.58 -20.89 -7.50
CA HIS B 99 10.99 -21.19 -7.24
C HIS B 99 11.36 -20.71 -5.85
N PRO B 100 11.06 -21.49 -4.82
CA PRO B 100 11.29 -21.02 -3.44
C PRO B 100 12.76 -20.70 -3.18
N GLY B 101 12.98 -19.57 -2.50
CA GLY B 101 14.32 -19.10 -2.17
C GLY B 101 15.07 -18.43 -3.31
N LYS B 102 14.48 -18.32 -4.49
CA LYS B 102 15.15 -17.76 -5.66
C LYS B 102 14.38 -16.56 -6.22
N LEU B 103 15.10 -15.65 -6.86
CA LEU B 103 14.47 -14.63 -7.69
C LEU B 103 14.81 -14.90 -9.15
N LEU B 104 13.78 -15.10 -9.96
CA LEU B 104 13.93 -15.44 -11.38
C LEU B 104 13.85 -14.12 -12.16
N PHE B 105 14.98 -13.42 -12.20
CA PHE B 105 15.03 -12.17 -12.97
C PHE B 105 14.79 -12.46 -14.43
N ALA B 106 15.36 -13.54 -14.93
CA ALA B 106 15.13 -14.08 -16.26
C ALA B 106 15.27 -15.58 -16.16
N PRO B 107 14.79 -16.34 -17.16
CA PRO B 107 14.97 -17.80 -17.08
C PRO B 107 16.43 -18.19 -16.95
N ASN B 108 17.35 -17.39 -17.49
CA ASN B 108 18.79 -17.67 -17.39
C ASN B 108 19.49 -16.73 -16.41
N LEU B 109 18.75 -16.13 -15.47
CA LEU B 109 19.31 -15.28 -14.42
C LEU B 109 18.46 -15.55 -13.18
N LEU B 110 18.72 -16.68 -12.54
CA LEU B 110 17.99 -17.11 -11.35
C LEU B 110 18.96 -17.05 -10.18
N LEU B 111 18.72 -16.14 -9.25
CA LEU B 111 19.66 -15.85 -8.18
C LEU B 111 19.12 -16.26 -6.81
N ASP B 112 20.03 -16.61 -5.90
CA ASP B 112 19.69 -16.78 -4.49
C ASP B 112 20.24 -15.61 -3.66
N ARG B 113 19.86 -15.57 -2.39
CA ARG B 113 20.17 -14.39 -1.59
C ARG B 113 21.66 -14.23 -1.30
N ASN B 114 22.45 -15.31 -1.33
CA ASN B 114 23.89 -15.11 -1.18
C ASN B 114 24.51 -14.39 -2.37
N GLN B 115 23.88 -14.44 -3.54
CA GLN B 115 24.38 -13.69 -4.68
C GLN B 115 23.90 -12.24 -4.62
N VAL B 119 26.56 -6.23 -2.81
CA VAL B 119 26.30 -4.80 -2.76
C VAL B 119 25.59 -4.44 -1.46
N GLU B 120 26.01 -3.33 -0.85
CA GLU B 120 25.42 -2.89 0.40
C GLU B 120 23.92 -2.68 0.23
N GLY B 121 23.13 -3.25 1.15
CA GLY B 121 21.68 -3.11 1.25
C GLY B 121 20.91 -3.86 0.17
N MET B 122 21.59 -4.67 -0.65
CA MET B 122 20.85 -5.46 -1.64
C MET B 122 20.11 -6.62 -1.00
N VAL B 123 20.72 -7.28 -0.02
CA VAL B 123 20.09 -8.48 0.52
C VAL B 123 18.79 -8.13 1.26
N GLU B 124 18.70 -6.94 1.85
CA GLU B 124 17.46 -6.54 2.53
C GLU B 124 16.29 -6.48 1.56
N ILE B 125 16.52 -5.90 0.38
CA ILE B 125 15.46 -5.87 -0.63
C ILE B 125 15.21 -7.25 -1.20
N PHE B 126 16.29 -8.00 -1.45
CA PHE B 126 16.17 -9.37 -1.93
C PHE B 126 15.23 -10.17 -1.02
N ASP B 127 15.44 -10.02 0.30
CA ASP B 127 14.62 -10.74 1.27
C ASP B 127 13.16 -10.29 1.22
N MET B 128 12.91 -8.98 1.06
CA MET B 128 11.52 -8.56 0.95
C MET B 128 10.85 -9.13 -0.30
N LEU B 129 11.60 -9.20 -1.40
CA LEU B 129 11.04 -9.80 -2.61
C LEU B 129 10.75 -11.29 -2.41
N LEU B 130 11.68 -12.03 -1.80
CA LEU B 130 11.42 -13.45 -1.52
C LEU B 130 10.21 -13.64 -0.63
N ALA B 131 10.04 -12.76 0.37
CA ALA B 131 8.88 -12.87 1.25
C ALA B 131 7.58 -12.64 0.49
N THR B 132 7.61 -11.77 -0.51
CA THR B 132 6.42 -11.55 -1.33
C THR B 132 6.12 -12.77 -2.19
N SER B 133 7.16 -13.38 -2.74
CA SER B 133 6.99 -14.62 -3.48
C SER B 133 6.39 -15.71 -2.60
N SER B 134 6.91 -15.86 -1.38
N SER B 134 6.90 -15.85 -1.38
CA SER B 134 6.34 -16.83 -0.45
CA SER B 134 6.34 -16.83 -0.45
C SER B 134 4.86 -16.53 -0.19
C SER B 134 4.87 -16.54 -0.17
N ARG B 135 4.52 -15.25 -0.01
CA ARG B 135 3.14 -14.89 0.24
C ARG B 135 2.26 -15.25 -0.95
N PHE B 136 2.75 -15.00 -2.17
CA PHE B 136 2.02 -15.44 -3.36
C PHE B 136 1.75 -16.93 -3.31
N ARG B 137 2.75 -17.74 -2.95
CA ARG B 137 2.55 -19.18 -2.88
C ARG B 137 1.51 -19.56 -1.84
N MET B 138 1.62 -18.98 -0.63
CA MET B 138 0.68 -19.33 0.42
C MET B 138 -0.75 -19.05 -0.02
N MET B 139 -0.96 -17.96 -0.74
CA MET B 139 -2.29 -17.59 -1.18
C MET B 139 -2.68 -18.29 -2.47
N ASN B 140 -1.76 -19.05 -3.07
CA ASN B 140 -1.97 -19.66 -4.38
C ASN B 140 -2.51 -18.64 -5.38
N LEU B 141 -1.75 -17.55 -5.52
CA LEU B 141 -2.13 -16.46 -6.43
C LEU B 141 -2.29 -16.96 -7.85
N GLN B 142 -3.38 -16.57 -8.48
CA GLN B 142 -3.69 -17.00 -9.85
C GLN B 142 -3.26 -15.94 -10.85
N GLY B 143 -2.97 -16.39 -12.07
CA GLY B 143 -2.52 -15.46 -13.10
C GLY B 143 -3.52 -14.36 -13.37
N GLU B 144 -4.82 -14.70 -13.36
CA GLU B 144 -5.82 -13.68 -13.60
C GLU B 144 -5.85 -12.65 -12.48
N GLU B 145 -5.53 -13.07 -11.26
CA GLU B 145 -5.46 -12.12 -10.14
C GLU B 145 -4.21 -11.24 -10.28
N PHE B 146 -3.10 -11.85 -10.67
CA PHE B 146 -1.85 -11.12 -10.85
C PHE B 146 -2.03 -9.97 -11.85
N VAL B 147 -2.60 -10.25 -13.02
CA VAL B 147 -2.71 -9.17 -14.01
C VAL B 147 -3.63 -8.06 -13.50
N CYS B 148 -4.62 -8.39 -12.68
CA CYS B 148 -5.46 -7.34 -12.11
C CYS B 148 -4.66 -6.48 -11.14
N LEU B 149 -3.89 -7.11 -10.28
CA LEU B 149 -3.08 -6.39 -9.30
C LEU B 149 -2.08 -5.47 -9.99
N LYS B 150 -1.47 -5.94 -11.09
CA LYS B 150 -0.49 -5.10 -11.78
C LYS B 150 -1.17 -3.89 -12.41
N SER B 151 -2.41 -4.05 -12.92
CA SER B 151 -3.13 -2.91 -13.47
C SER B 151 -3.54 -1.93 -12.38
N ILE B 152 -3.90 -2.43 -11.20
CA ILE B 152 -4.20 -1.53 -10.08
C ILE B 152 -2.98 -0.69 -9.74
N ILE B 153 -1.80 -1.31 -9.66
CA ILE B 153 -0.58 -0.55 -9.37
C ILE B 153 -0.41 0.59 -10.36
N LEU B 154 -0.56 0.30 -11.65
CA LEU B 154 -0.39 1.32 -12.67
C LEU B 154 -1.31 2.52 -12.43
N LEU B 155 -2.57 2.25 -12.11
CA LEU B 155 -3.54 3.34 -11.99
C LEU B 155 -3.50 4.02 -10.64
N ASN B 156 -3.02 3.34 -9.60
CA ASN B 156 -3.15 3.85 -8.23
C ASN B 156 -1.89 4.50 -7.69
N SER B 157 -0.70 4.06 -8.09
N SER B 157 -0.71 4.06 -8.13
CA SER B 157 0.50 4.51 -7.38
CA SER B 157 0.53 4.47 -7.47
C SER B 157 0.72 6.01 -7.48
C SER B 157 0.72 5.97 -7.50
N GLY B 158 0.34 6.63 -8.61
CA GLY B 158 0.54 8.05 -8.76
C GLY B 158 -0.69 8.92 -8.61
N VAL B 159 -1.83 8.34 -8.23
CA VAL B 159 -3.09 9.09 -8.26
C VAL B 159 -3.23 10.09 -7.11
N TYR B 160 -2.36 10.02 -6.10
CA TYR B 160 -2.39 11.00 -5.02
C TYR B 160 -1.26 12.02 -5.09
N THR B 161 -0.49 12.03 -6.18
CA THR B 161 0.56 13.03 -6.36
C THR B 161 0.44 13.74 -7.70
N PHE B 162 -0.79 13.90 -8.21
CA PHE B 162 -1.00 14.73 -9.39
C PHE B 162 -0.79 16.19 -9.06
N THR B 166 -7.20 21.45 -11.58
CA THR B 166 -7.93 21.93 -12.75
C THR B 166 -9.13 21.01 -12.98
N LEU B 167 -10.10 21.53 -13.72
CA LEU B 167 -11.27 20.71 -14.01
C LEU B 167 -10.88 19.45 -14.78
N LYS B 168 -9.81 19.54 -15.56
CA LYS B 168 -9.32 18.40 -16.37
C LYS B 168 -8.68 17.34 -15.48
N SER B 169 -8.01 17.78 -14.41
N SER B 169 -8.00 17.77 -14.41
CA SER B 169 -7.35 16.80 -13.50
CA SER B 169 -7.36 16.81 -13.48
C SER B 169 -8.42 16.13 -12.63
C SER B 169 -8.44 16.12 -12.64
N LEU B 170 -9.56 16.81 -12.41
CA LEU B 170 -10.63 16.20 -11.62
C LEU B 170 -11.29 15.14 -12.48
N GLU B 171 -11.47 15.42 -13.77
CA GLU B 171 -12.06 14.45 -14.69
C GLU B 171 -11.16 13.23 -14.82
N GLU B 172 -9.84 13.47 -14.91
CA GLU B 172 -8.88 12.37 -14.99
C GLU B 172 -8.98 11.49 -13.76
N LYS B 173 -9.08 12.09 -12.58
CA LYS B 173 -9.06 11.25 -11.37
C LYS B 173 -10.31 10.42 -11.30
N ASP B 174 -11.44 11.05 -11.67
CA ASP B 174 -12.72 10.36 -11.70
C ASP B 174 -12.63 9.14 -12.56
N HIS B 175 -12.13 9.30 -13.79
CA HIS B 175 -11.95 8.18 -14.68
C HIS B 175 -11.07 7.10 -14.07
N ILE B 176 -9.96 7.49 -13.44
CA ILE B 176 -9.04 6.51 -12.87
C ILE B 176 -9.74 5.70 -11.79
N HIS B 177 -10.51 6.37 -10.93
CA HIS B 177 -11.20 5.64 -9.89
C HIS B 177 -12.32 4.76 -10.44
N ARG B 178 -12.96 5.17 -11.54
CA ARG B 178 -13.94 4.30 -12.19
C ARG B 178 -13.28 3.06 -12.78
N VAL B 179 -12.08 3.22 -13.35
CA VAL B 179 -11.38 2.05 -13.87
C VAL B 179 -10.94 1.15 -12.71
N LEU B 180 -10.45 1.75 -11.63
CA LEU B 180 -10.07 0.96 -10.46
C LEU B 180 -11.26 0.20 -9.91
N ASP B 181 -12.44 0.82 -9.87
CA ASP B 181 -13.61 0.11 -9.37
C ASP B 181 -13.97 -1.07 -10.27
N LYS B 182 -13.84 -0.90 -11.59
CA LYS B 182 -14.03 -2.01 -12.53
C LYS B 182 -13.07 -3.16 -12.24
N ILE B 183 -11.81 -2.86 -11.91
CA ILE B 183 -10.88 -3.94 -11.64
C ILE B 183 -11.23 -4.64 -10.33
N THR B 184 -11.68 -3.86 -9.33
CA THR B 184 -12.20 -4.52 -8.12
C THR B 184 -13.34 -5.48 -8.48
N ASP B 185 -14.29 -5.01 -9.30
CA ASP B 185 -15.39 -5.87 -9.74
C ASP B 185 -14.86 -7.13 -10.42
N THR B 186 -13.78 -6.98 -11.20
CA THR B 186 -13.22 -8.12 -11.91
C THR B 186 -12.57 -9.11 -10.96
N LEU B 187 -11.85 -8.60 -9.96
CA LEU B 187 -11.23 -9.49 -8.98
C LEU B 187 -12.30 -10.29 -8.24
N ILE B 188 -13.37 -9.62 -7.81
CA ILE B 188 -14.46 -10.30 -7.12
C ILE B 188 -15.08 -11.35 -8.02
N HIS B 189 -15.30 -11.00 -9.29
CA HIS B 189 -15.82 -11.96 -10.28
C HIS B 189 -14.94 -13.19 -10.39
N LEU B 190 -13.62 -13.00 -10.47
CA LEU B 190 -12.70 -14.13 -10.55
C LEU B 190 -12.81 -15.03 -9.33
N MET B 191 -12.94 -14.42 -8.16
CA MET B 191 -12.92 -15.16 -6.92
C MET B 191 -14.22 -15.93 -6.73
N ALA B 192 -15.34 -15.29 -7.10
CA ALA B 192 -16.62 -15.98 -7.10
C ALA B 192 -16.63 -17.16 -8.07
N LYS B 193 -16.02 -16.96 -9.23
CA LYS B 193 -15.92 -18.04 -10.21
C LYS B 193 -15.18 -19.25 -9.64
N ALA B 194 -14.15 -18.99 -8.82
CA ALA B 194 -13.36 -20.05 -8.20
C ALA B 194 -14.05 -20.69 -7.00
N GLY B 195 -15.33 -20.38 -6.76
CA GLY B 195 -16.11 -21.07 -5.75
C GLY B 195 -15.95 -20.56 -4.34
N LEU B 196 -15.34 -19.40 -4.15
CA LEU B 196 -15.19 -18.83 -2.82
C LEU B 196 -16.53 -18.30 -2.31
N THR B 197 -16.75 -18.41 -1.00
CA THR B 197 -17.92 -17.77 -0.43
C THR B 197 -17.77 -16.27 -0.50
N LEU B 198 -18.85 -15.58 -0.19
CA LEU B 198 -18.82 -14.12 -0.29
C LEU B 198 -17.90 -13.55 0.80
N GLN B 199 -17.93 -14.12 2.01
CA GLN B 199 -16.96 -13.76 3.03
C GLN B 199 -15.52 -14.02 2.57
N GLN B 200 -15.29 -15.17 1.94
CA GLN B 200 -13.96 -15.49 1.43
C GLN B 200 -13.55 -14.54 0.32
N GLN B 201 -14.49 -14.07 -0.49
CA GLN B 201 -14.16 -13.13 -1.56
C GLN B 201 -13.64 -11.82 -0.99
N HIS B 202 -14.37 -11.25 -0.01
CA HIS B 202 -13.94 -9.98 0.56
C HIS B 202 -12.62 -10.14 1.28
N GLN B 203 -12.47 -11.25 2.01
CA GLN B 203 -11.25 -11.51 2.75
C GLN B 203 -10.06 -11.60 1.81
N ARG B 204 -10.20 -12.32 0.68
CA ARG B 204 -9.09 -12.44 -0.25
C ARG B 204 -8.81 -11.13 -0.98
N LEU B 205 -9.86 -10.39 -1.35
CA LEU B 205 -9.66 -9.08 -1.95
C LEU B 205 -8.78 -8.21 -1.06
N ALA B 206 -9.11 -8.16 0.22
CA ALA B 206 -8.33 -7.38 1.16
C ALA B 206 -6.91 -7.91 1.27
N GLN B 207 -6.76 -9.24 1.31
CA GLN B 207 -5.43 -9.81 1.44
C GLN B 207 -4.56 -9.42 0.25
N LEU B 208 -5.15 -9.46 -0.95
CA LEU B 208 -4.39 -9.11 -2.15
C LEU B 208 -4.02 -7.64 -2.15
N LEU B 209 -4.97 -6.76 -1.81
CA LEU B 209 -4.70 -5.32 -1.83
C LEU B 209 -3.71 -4.90 -0.75
N LEU B 210 -3.68 -5.59 0.38
CA LEU B 210 -2.69 -5.26 1.39
C LEU B 210 -1.27 -5.61 0.91
N ILE B 211 -1.15 -6.62 0.04
CA ILE B 211 0.14 -6.95 -0.56
C ILE B 211 0.67 -5.75 -1.32
N LEU B 212 -0.22 -4.97 -1.93
CA LEU B 212 0.21 -3.80 -2.69
C LEU B 212 0.87 -2.77 -1.79
N SER B 213 0.47 -2.70 -0.52
N SER B 213 0.48 -2.70 -0.52
CA SER B 213 1.17 -1.83 0.42
CA SER B 213 1.19 -1.80 0.39
C SER B 213 2.62 -2.27 0.58
C SER B 213 2.62 -2.27 0.63
N HIS B 214 2.86 -3.58 0.64
CA HIS B 214 4.23 -4.06 0.79
C HIS B 214 5.03 -3.80 -0.49
N ILE B 215 4.40 -3.96 -1.64
CA ILE B 215 5.08 -3.68 -2.89
C ILE B 215 5.47 -2.20 -2.99
N ARG B 216 4.57 -1.29 -2.57
CA ARG B 216 4.97 0.12 -2.47
C ARG B 216 6.17 0.28 -1.54
N HIS B 217 6.10 -0.33 -0.36
CA HIS B 217 7.23 -0.31 0.56
C HIS B 217 8.52 -0.75 -0.12
N MET B 218 8.51 -1.89 -0.82
CA MET B 218 9.75 -2.33 -1.47
C MET B 218 10.22 -1.36 -2.55
N SER B 219 9.29 -0.77 -3.28
N SER B 219 9.29 -0.73 -3.27
CA SER B 219 9.66 0.24 -4.29
CA SER B 219 9.74 0.23 -4.29
C SER B 219 10.39 1.42 -3.67
C SER B 219 10.42 1.44 -3.67
N ASN B 220 9.88 1.94 -2.54
CA ASN B 220 10.54 3.07 -1.89
C ASN B 220 11.92 2.69 -1.42
N LYS B 221 12.02 1.49 -0.81
CA LYS B 221 13.31 0.98 -0.37
C LYS B 221 14.24 0.75 -1.55
N GLY B 222 13.66 0.25 -2.63
CA GLY B 222 14.48 -0.02 -3.82
C GLY B 222 15.01 1.26 -4.43
N MET B 223 14.17 2.30 -4.49
CA MET B 223 14.59 3.62 -5.05
C MET B 223 15.78 4.13 -4.24
N GLU B 224 15.68 4.03 -2.91
CA GLU B 224 16.78 4.46 -2.00
C GLU B 224 18.04 3.67 -2.35
N HIS B 225 17.94 2.36 -2.50
CA HIS B 225 19.07 1.46 -2.83
C HIS B 225 19.61 1.75 -4.23
N LEU B 226 18.75 1.96 -5.24
CA LEU B 226 19.25 2.23 -6.61
C LEU B 226 19.96 3.58 -6.70
N TYR B 227 19.57 4.54 -5.88
CA TYR B 227 20.27 5.85 -5.86
C TYR B 227 21.64 5.69 -5.18
N VAL B 235 16.86 5.88 -13.28
CA VAL B 235 15.42 6.28 -13.27
C VAL B 235 14.99 6.81 -14.62
N PRO B 236 13.92 6.30 -15.25
CA PRO B 236 13.52 6.77 -16.56
C PRO B 236 13.06 8.23 -16.47
N SER B 237 13.49 9.04 -17.43
CA SER B 237 13.08 10.45 -17.49
C SER B 237 11.66 10.57 -18.06
N TYR B 238 11.03 11.69 -17.76
CA TYR B 238 9.71 12.03 -18.33
C TYR B 238 9.85 11.99 -19.85
N ASP B 239 10.88 12.62 -20.43
CA ASP B 239 10.97 12.66 -21.90
C ASP B 239 11.10 11.24 -22.46
N LEU B 240 11.88 10.41 -21.78
CA LEU B 240 12.01 9.00 -22.21
C LEU B 240 10.61 8.39 -22.13
N LEU B 241 9.97 8.48 -20.97
CA LEU B 241 8.62 7.88 -20.84
C LEU B 241 7.67 8.51 -21.88
N LEU B 242 7.67 9.83 -22.02
CA LEU B 242 6.85 10.53 -23.06
C LEU B 242 7.21 10.02 -24.45
N GLU B 243 8.52 9.85 -24.74
CA GLU B 243 8.91 9.38 -26.09
C GLU B 243 8.34 8.01 -26.35
N MET B 244 8.43 7.12 -25.37
CA MET B 244 7.88 5.78 -25.67
C MET B 244 6.36 5.85 -25.63
N LEU B 245 5.81 6.70 -24.77
CA LEU B 245 4.34 6.82 -24.68
C LEU B 245 3.80 7.62 -25.86
N1 TZ3 C . 5.31 15.25 11.46
C4 TZ3 C . 1.86 13.69 13.32
C5 TZ3 C . 3.05 14.16 12.74
C6 TZ3 C . 4.00 14.70 13.45
C7 TZ3 C . 3.18 13.97 11.24
C8 TZ3 C . 4.58 14.21 10.74
C10 TZ3 C . 6.05 16.29 10.81
C13 TZ3 C . 5.24 12.84 10.66
C15 TZ3 C . 7.64 15.00 13.69
C17 TZ3 C . 8.61 12.96 14.40
C20 TZ3 C . 9.18 10.99 16.40
C21 TZ3 C . 10.05 9.83 16.87
C22 TZ3 C . 4.71 16.80 8.87
C24 TZ3 C . 5.56 17.20 6.70
C26 TZ3 C . 7.04 16.65 8.48
C28 TZ3 C . 11.27 11.07 17.99
C1 TZ3 C . 3.75 14.81 14.86
C2 TZ3 C . 2.61 14.36 15.43
C3 TZ3 C . 1.64 13.77 14.68
C9 TZ3 C . 5.33 15.18 12.89
O1 TZ3 C . 0.49 13.30 15.23
C11 TZ3 C . 5.97 16.53 9.31
C12 TZ3 C . 4.98 13.61 9.39
C14 TZ3 C . 6.47 14.37 13.42
C16 TZ3 C . 8.71 14.28 14.17
O2 TZ3 C . 6.63 17.03 11.43
C18 TZ3 C . 7.43 12.31 14.14
C19 TZ3 C . 6.35 13.02 13.66
C23 TZ3 C . 4.50 17.14 7.56
S1 TZ3 C . 10.01 12.01 15.08
C25 TZ3 C . 6.82 16.95 7.15
C27 TZ3 C . 11.29 10.48 16.81
N2 TZ3 C . 11.01 9.91 18.92
C29 TZ3 C . 10.18 9.17 18.34
C30 TZ3 C . 12.05 9.42 19.09
C31 TZ3 C . 12.89 9.99 20.22
C32 TZ3 C . 12.94 8.93 21.32
N1 TZ3 D . 16.54 -5.10 -9.40
C4 TZ3 D . 13.34 -6.68 -11.67
C5 TZ3 D . 14.40 -6.09 -10.98
C6 TZ3 D . 15.49 -5.66 -11.58
C7 TZ3 D . 14.18 -5.97 -9.48
C8 TZ3 D . 15.23 -5.06 -8.83
C10 TZ3 D . 17.77 -5.25 -8.67
C13 TZ3 D . 14.62 -3.66 -8.90
C15 TZ3 D . 15.75 -2.78 -11.67
C17 TZ3 D . 17.25 -0.94 -12.16
C20 TZ3 D . 16.19 1.39 -13.82
C21 TZ3 D . 16.47 1.27 -15.25
C22 TZ3 D . 18.34 -4.81 -6.25
C24 TZ3 D . 17.57 -6.35 -4.61
C26 TZ3 D . 17.04 -6.67 -6.84
C28 TZ3 D . 15.59 2.89 -16.40
C1 TZ3 D . 15.57 -5.86 -12.99
C2 TZ3 D . 14.53 -6.41 -13.68
C3 TZ3 D . 13.40 -6.83 -13.03
C9 TZ3 D . 16.65 -4.99 -10.83
O1 TZ3 D . 12.40 -7.39 -13.72
C11 TZ3 D . 17.70 -5.53 -7.17
C12 TZ3 D . 14.82 -4.33 -7.56
C14 TZ3 D . 16.82 -3.55 -11.30
C16 TZ3 D . 15.99 -1.49 -12.10
O2 TZ3 D . 18.75 -5.27 -9.18
C18 TZ3 D . 18.30 -1.72 -11.79
C19 TZ3 D . 18.06 -3.00 -11.37
C23 TZ3 D . 18.26 -5.23 -4.98
S1 TZ3 D . 17.50 0.80 -12.73
C25 TZ3 D . 16.98 -7.10 -5.55
C27 TZ3 D . 15.28 1.69 -15.92
N2 TZ3 D . 17.06 2.75 -16.78
C29 TZ3 D . 17.53 2.31 -15.75
C30 TZ3 D . 17.50 3.82 -16.85
C31 TZ3 D . 16.83 4.82 -17.80
C32 TZ3 D . 17.86 5.25 -18.84
#